data_2CZQ
#
_entry.id   2CZQ
#
_cell.length_a   34.478
_cell.length_b   82.807
_cell.length_c   123.514
_cell.angle_alpha   90.00
_cell.angle_beta   90.00
_cell.angle_gamma   90.00
#
_symmetry.space_group_name_H-M   'P 21 21 21'
#
loop_
_entity.id
_entity.type
_entity.pdbx_description
1 polymer 'cutinase-like protein'
2 non-polymer 'CITRIC ACID'
3 non-polymer 1,2-ETHANEDIOL
4 water water
#
_entity_poly.entity_id   1
_entity_poly.type   'polypeptide(L)'
_entity_poly.pdbx_seq_one_letter_code
;ATSSACPQYVLINTRGTGEPQGQSAGFRTMNSQITAALSGGTIYNTVYTADFSQNSAAGTADIIRRINSGLAANPNVCYI
LQGYSQGAAATVVALQQLGTSGAAFNAVKGVFLIGNPDHKSGLTCNVDSNGGTTTRNVNGLSVAYQGSVPSGWVSKTLDV
CAYGDGVCDTAHGFGINAQHLSYPSDQGVQTMGYKFAVNKLGGSA
;
_entity_poly.pdbx_strand_id   A,B
#
# COMPACT_ATOMS: atom_id res chain seq x y z
N ALA A 1 5.01 -11.89 -27.41
CA ALA A 1 4.16 -12.64 -28.37
C ALA A 1 2.70 -12.54 -27.99
N THR A 2 1.82 -12.63 -28.98
CA THR A 2 0.40 -12.69 -28.73
C THR A 2 -0.03 -14.15 -28.82
N SER A 3 -0.72 -14.62 -27.78
CA SER A 3 -1.34 -15.93 -27.82
C SER A 3 -2.67 -15.82 -28.54
N SER A 4 -2.87 -16.61 -29.59
CA SER A 4 -4.15 -16.64 -30.27
C SER A 4 -5.26 -17.15 -29.36
N ALA A 5 -4.91 -18.10 -28.48
CA ALA A 5 -5.87 -18.64 -27.51
C ALA A 5 -6.28 -17.58 -26.49
N CYS A 6 -5.32 -16.73 -26.10
CA CYS A 6 -5.51 -15.77 -25.02
C CYS A 6 -4.88 -14.41 -25.33
N PRO A 7 -5.46 -13.63 -26.24
CA PRO A 7 -4.93 -12.29 -26.53
C PRO A 7 -4.99 -11.33 -25.33
N GLN A 8 -5.91 -11.59 -24.40
CA GLN A 8 -5.98 -10.85 -23.14
C GLN A 8 -6.07 -11.85 -22.02
N TYR A 9 -5.30 -11.63 -20.96
CA TYR A 9 -5.35 -12.51 -19.82
C TYR A 9 -5.04 -11.77 -18.53
N VAL A 10 -5.48 -12.36 -17.42
CA VAL A 10 -5.24 -11.80 -16.10
C VAL A 10 -4.62 -12.89 -15.23
N LEU A 11 -3.54 -12.51 -14.55
CA LEU A 11 -2.91 -13.33 -13.53
C LEU A 11 -3.46 -12.85 -12.21
N ILE A 12 -4.45 -13.57 -11.69
CA ILE A 12 -5.08 -13.22 -10.42
C ILE A 12 -4.28 -13.93 -9.35
N ASN A 13 -3.68 -13.14 -8.46
CA ASN A 13 -2.87 -13.73 -7.40
C ASN A 13 -3.34 -13.30 -6.03
N THR A 14 -3.44 -14.29 -5.14
CA THR A 14 -3.91 -14.08 -3.78
C THR A 14 -2.76 -14.39 -2.83
N ARG A 15 -2.43 -13.41 -1.99
CA ARG A 15 -1.21 -13.42 -1.21
C ARG A 15 -1.35 -14.16 0.12
N GLY A 16 -0.21 -14.35 0.78
CA GLY A 16 -0.17 -14.98 2.09
C GLY A 16 -0.41 -14.00 3.23
N THR A 17 -0.73 -14.57 4.38
CA THR A 17 -0.87 -13.83 5.64
C THR A 17 0.29 -12.87 5.83
N GLY A 18 -0.03 -11.61 6.12
CA GLY A 18 0.97 -10.63 6.46
C GLY A 18 1.63 -9.92 5.30
N GLU A 19 1.51 -10.45 4.08
CA GLU A 19 2.05 -9.73 2.94
C GLU A 19 1.26 -8.45 2.74
N PRO A 20 1.92 -7.33 2.42
CA PRO A 20 1.17 -6.10 2.13
C PRO A 20 0.22 -6.31 0.97
N GLN A 21 -0.93 -5.63 1.02
CA GLN A 21 -1.81 -5.60 -0.14
C GLN A 21 -0.99 -5.14 -1.34
N GLY A 22 -1.08 -5.90 -2.43
CA GLY A 22 -0.16 -5.79 -3.54
C GLY A 22 0.14 -7.19 -4.04
N GLN A 23 1.00 -7.32 -5.04
CA GLN A 23 1.33 -8.63 -5.56
C GLN A 23 2.05 -9.47 -4.50
N SER A 24 1.72 -10.74 -4.41
CA SER A 24 2.43 -11.63 -3.52
C SER A 24 3.87 -11.78 -3.98
N ALA A 25 4.80 -11.79 -3.02
CA ALA A 25 6.18 -12.12 -3.30
C ALA A 25 6.29 -13.51 -3.94
N GLY A 26 5.31 -14.37 -3.67
CA GLY A 26 5.31 -15.71 -4.25
C GLY A 26 5.26 -15.76 -5.77
N PHE A 27 4.77 -14.70 -6.42
CA PHE A 27 4.57 -14.72 -7.87
C PHE A 27 5.27 -13.62 -8.62
N ARG A 28 5.99 -12.75 -7.92
CA ARG A 28 6.56 -11.57 -8.57
C ARG A 28 7.47 -11.93 -9.76
N THR A 29 8.41 -12.84 -9.54
CA THR A 29 9.34 -13.18 -10.61
C THR A 29 8.62 -13.86 -11.77
N MET A 30 7.85 -14.91 -11.49
CA MET A 30 7.19 -15.60 -12.59
C MET A 30 6.28 -14.67 -13.35
N ASN A 31 5.61 -13.75 -12.65
CA ASN A 31 4.68 -12.86 -13.34
C ASN A 31 5.38 -11.82 -14.21
N SER A 32 6.56 -11.38 -13.79
CA SER A 32 7.39 -10.57 -14.66
C SER A 32 7.76 -11.35 -15.94
N GLN A 33 8.02 -12.65 -15.79
CA GLN A 33 8.36 -13.49 -16.94
C GLN A 33 7.17 -13.71 -17.86
N ILE A 34 6.02 -14.00 -17.27
CA ILE A 34 4.82 -14.31 -18.06
C ILE A 34 4.40 -13.08 -18.86
N THR A 35 4.31 -11.94 -18.19
CA THR A 35 3.85 -10.72 -18.87
C THR A 35 4.85 -10.23 -19.90
N ALA A 36 6.14 -10.53 -19.71
CA ALA A 36 7.13 -10.20 -20.72
C ALA A 36 7.05 -11.14 -21.93
N ALA A 37 6.61 -12.37 -21.69
CA ALA A 37 6.53 -13.37 -22.76
C ALA A 37 5.29 -13.21 -23.62
N LEU A 38 4.17 -12.87 -22.99
CA LEU A 38 2.88 -12.78 -23.67
C LEU A 38 2.24 -11.43 -23.44
N SER A 39 1.92 -10.76 -24.54
CA SER A 39 1.22 -9.49 -24.49
C SER A 39 -0.23 -9.66 -24.02
N GLY A 40 -0.81 -8.55 -23.58
CA GLY A 40 -2.21 -8.52 -23.20
C GLY A 40 -2.49 -8.97 -21.78
N GLY A 41 -1.44 -9.05 -20.97
CA GLY A 41 -1.57 -9.49 -19.60
C GLY A 41 -1.60 -8.38 -18.57
N THR A 42 -2.36 -8.61 -17.51
CA THR A 42 -2.29 -7.79 -16.32
C THR A 42 -2.23 -8.70 -15.09
N ILE A 43 -1.76 -8.12 -13.99
CA ILE A 43 -1.62 -8.81 -12.72
C ILE A 43 -2.63 -8.20 -11.75
N TYR A 44 -3.60 -9.00 -11.31
CA TYR A 44 -4.61 -8.54 -10.37
C TYR A 44 -4.34 -9.13 -9.00
N ASN A 45 -4.20 -8.26 -8.01
CA ASN A 45 -3.93 -8.67 -6.64
C ASN A 45 -5.21 -8.72 -5.83
N THR A 46 -5.63 -9.92 -5.47
CA THR A 46 -6.87 -10.10 -4.72
C THR A 46 -6.91 -9.20 -3.49
N VAL A 47 -8.04 -8.52 -3.31
CA VAL A 47 -8.19 -7.61 -2.18
C VAL A 47 -8.88 -8.33 -1.03
N TYR A 48 -8.14 -8.46 0.07
CA TYR A 48 -8.66 -9.00 1.32
C TYR A 48 -7.64 -8.71 2.41
N THR A 49 -7.98 -9.02 3.64
CA THR A 49 -7.12 -8.65 4.76
C THR A 49 -5.88 -9.51 4.89
N ALA A 50 -5.95 -10.77 4.41
CA ALA A 50 -4.86 -11.73 4.61
C ALA A 50 -4.43 -11.74 6.08
N ASP A 51 -5.41 -11.81 6.97
CA ASP A 51 -5.14 -11.74 8.40
C ASP A 51 -4.87 -13.13 8.96
N PHE A 52 -4.33 -13.18 10.18
CA PHE A 52 -3.88 -14.47 10.71
C PHE A 52 -5.00 -15.46 11.02
N SER A 53 -6.24 -15.00 11.10
CA SER A 53 -7.35 -15.90 11.42
C SER A 53 -7.52 -17.04 10.42
N GLN A 54 -7.11 -16.79 9.17
CA GLN A 54 -7.32 -17.69 8.03
C GLN A 54 -8.77 -17.75 7.54
N ASN A 55 -9.58 -16.81 7.99
CA ASN A 55 -10.93 -16.69 7.44
C ASN A 55 -10.84 -15.83 6.19
N SER A 56 -10.80 -16.52 5.05
CA SER A 56 -10.40 -15.92 3.78
C SER A 56 -11.55 -15.66 2.81
N ALA A 57 -12.79 -15.68 3.30
CA ALA A 57 -13.96 -15.50 2.43
C ALA A 57 -13.88 -14.28 1.52
N ALA A 58 -13.38 -13.16 2.03
CA ALA A 58 -13.31 -11.96 1.20
C ALA A 58 -12.34 -12.16 0.03
N GLY A 59 -11.29 -12.94 0.23
CA GLY A 59 -10.34 -13.25 -0.83
C GLY A 59 -10.98 -14.11 -1.90
N THR A 60 -11.62 -15.20 -1.49
CA THR A 60 -12.34 -16.05 -2.42
C THR A 60 -13.35 -15.23 -3.24
N ALA A 61 -14.12 -14.38 -2.55
CA ALA A 61 -15.13 -13.58 -3.22
C ALA A 61 -14.52 -12.64 -4.25
N ASP A 62 -13.37 -12.06 -3.93
CA ASP A 62 -12.76 -11.09 -4.83
C ASP A 62 -12.11 -11.76 -6.04
N ILE A 63 -11.57 -12.97 -5.87
CA ILE A 63 -11.11 -13.75 -7.02
C ILE A 63 -12.25 -13.93 -8.02
N ILE A 64 -13.39 -14.40 -7.50
CA ILE A 64 -14.53 -14.71 -8.34
C ILE A 64 -15.11 -13.43 -8.95
N ARG A 65 -15.14 -12.35 -8.16
CA ARG A 65 -15.56 -11.05 -8.66
C ARG A 65 -14.74 -10.63 -9.88
N ARG A 66 -13.42 -10.75 -9.78
CA ARG A 66 -12.55 -10.36 -10.89
C ARG A 66 -12.78 -11.23 -12.12
N ILE A 67 -12.94 -12.54 -11.90
CA ILE A 67 -13.22 -13.45 -13.01
C ILE A 67 -14.50 -13.02 -13.74
N ASN A 68 -15.56 -12.81 -12.97
CA ASN A 68 -16.85 -12.51 -13.57
C ASN A 68 -16.89 -11.12 -14.21
N SER A 69 -16.25 -10.14 -13.58
CA SER A 69 -16.21 -8.80 -14.16
C SER A 69 -15.44 -8.80 -15.49
N GLY A 70 -14.35 -9.55 -15.55
CA GLY A 70 -13.59 -9.68 -16.78
C GLY A 70 -14.40 -10.32 -17.88
N LEU A 71 -15.12 -11.39 -17.56
CA LEU A 71 -15.91 -12.09 -18.56
C LEU A 71 -17.04 -11.23 -19.10
N ALA A 72 -17.60 -10.39 -18.25
CA ALA A 72 -18.62 -9.43 -18.70
C ALA A 72 -18.09 -8.46 -19.76
N ALA A 73 -16.82 -8.07 -19.61
CA ALA A 73 -16.17 -7.13 -20.53
C ALA A 73 -15.59 -7.80 -21.77
N ASN A 74 -15.17 -9.05 -21.61
CA ASN A 74 -14.53 -9.80 -22.67
C ASN A 74 -14.80 -11.29 -22.45
N PRO A 75 -15.80 -11.86 -23.13
CA PRO A 75 -16.13 -13.27 -22.89
C PRO A 75 -15.00 -14.24 -23.23
N ASN A 76 -13.97 -13.74 -23.92
CA ASN A 76 -12.85 -14.56 -24.34
C ASN A 76 -11.58 -14.37 -23.52
N VAL A 77 -11.67 -13.62 -22.42
CA VAL A 77 -10.53 -13.43 -21.55
C VAL A 77 -10.11 -14.75 -20.90
N CYS A 78 -8.80 -14.88 -20.66
CA CYS A 78 -8.23 -16.03 -19.97
C CYS A 78 -7.70 -15.65 -18.61
N TYR A 79 -7.71 -16.61 -17.69
CA TYR A 79 -7.16 -16.41 -16.35
C TYR A 79 -6.18 -17.49 -15.97
N ILE A 80 -5.17 -17.07 -15.20
CA ILE A 80 -4.43 -18.01 -14.34
C ILE A 80 -4.70 -17.55 -12.91
N LEU A 81 -5.11 -18.48 -12.06
CA LEU A 81 -5.30 -18.20 -10.64
C LEU A 81 -4.08 -18.69 -9.85
N GLN A 82 -3.49 -17.80 -9.07
CA GLN A 82 -2.29 -18.08 -8.30
C GLN A 82 -2.58 -17.82 -6.85
N GLY A 83 -2.14 -18.71 -5.97
CA GLY A 83 -2.34 -18.49 -4.54
C GLY A 83 -1.19 -19.02 -3.71
N TYR A 84 -0.77 -18.25 -2.72
CA TYR A 84 0.29 -18.62 -1.80
C TYR A 84 -0.26 -18.67 -0.38
N SER A 85 -0.07 -19.80 0.29
CA SER A 85 -0.38 -19.95 1.71
C SER A 85 -1.88 -19.66 1.93
N GLN A 86 -2.26 -18.69 2.76
CA GLN A 86 -3.67 -18.37 2.91
C GLN A 86 -4.34 -18.14 1.54
N GLY A 87 -3.60 -17.50 0.64
CA GLY A 87 -4.12 -17.23 -0.70
C GLY A 87 -4.34 -18.47 -1.53
N ALA A 88 -3.55 -19.51 -1.29
CA ALA A 88 -3.80 -20.81 -1.93
C ALA A 88 -5.12 -21.40 -1.45
N ALA A 89 -5.36 -21.36 -0.14
CA ALA A 89 -6.62 -21.83 0.42
C ALA A 89 -7.79 -21.05 -0.15
N ALA A 90 -7.66 -19.73 -0.21
CA ALA A 90 -8.73 -18.90 -0.78
C ALA A 90 -9.03 -19.28 -2.24
N THR A 91 -7.98 -19.64 -2.97
CA THR A 91 -8.11 -20.06 -4.36
C THR A 91 -8.81 -21.41 -4.46
N VAL A 92 -8.38 -22.37 -3.64
CA VAL A 92 -9.01 -23.68 -3.60
C VAL A 92 -10.51 -23.55 -3.35
N VAL A 93 -10.89 -22.72 -2.39
CA VAL A 93 -12.30 -22.54 -2.08
C VAL A 93 -13.04 -21.87 -3.23
N ALA A 94 -12.37 -20.96 -3.94
CA ALA A 94 -12.95 -20.41 -5.16
C ALA A 94 -13.26 -21.51 -6.17
N LEU A 95 -12.35 -22.47 -6.35
CA LEU A 95 -12.59 -23.57 -7.28
C LEU A 95 -13.81 -24.37 -6.86
N GLN A 96 -13.92 -24.62 -5.55
CA GLN A 96 -15.06 -25.36 -5.01
C GLN A 96 -16.37 -24.66 -5.29
N GLN A 97 -16.37 -23.33 -5.24
CA GLN A 97 -17.55 -22.54 -5.49
C GLN A 97 -17.86 -22.37 -6.98
N LEU A 98 -16.82 -22.27 -7.80
CA LEU A 98 -17.02 -22.09 -9.24
C LEU A 98 -17.59 -23.33 -9.92
N GLY A 99 -17.27 -24.49 -9.40
CA GLY A 99 -17.69 -25.73 -10.04
C GLY A 99 -16.79 -26.09 -11.20
N THR A 100 -17.19 -27.12 -11.94
CA THR A 100 -16.32 -27.72 -12.95
C THR A 100 -16.89 -27.64 -14.35
N SER A 101 -17.84 -26.72 -14.53
CA SER A 101 -18.45 -26.44 -15.83
C SER A 101 -18.88 -24.98 -15.86
N GLY A 102 -19.06 -24.44 -17.06
CA GLY A 102 -19.53 -23.07 -17.21
C GLY A 102 -18.45 -22.09 -17.62
N ALA A 103 -18.85 -20.85 -17.80
CA ALA A 103 -17.98 -19.82 -18.38
C ALA A 103 -16.72 -19.56 -17.55
N ALA A 104 -16.89 -19.43 -16.24
CA ALA A 104 -15.76 -19.14 -15.36
C ALA A 104 -14.76 -20.29 -15.41
N PHE A 105 -15.25 -21.51 -15.24
CA PHE A 105 -14.40 -22.69 -15.34
C PHE A 105 -13.61 -22.70 -16.65
N ASN A 106 -14.31 -22.48 -17.76
CA ASN A 106 -13.68 -22.52 -19.07
C ASN A 106 -12.60 -21.45 -19.25
N ALA A 107 -12.82 -20.27 -18.65
CA ALA A 107 -11.90 -19.14 -18.79
C ALA A 107 -10.63 -19.30 -17.96
N VAL A 108 -10.71 -20.07 -16.88
CA VAL A 108 -9.55 -20.31 -16.04
C VAL A 108 -8.72 -21.42 -16.68
N LYS A 109 -7.60 -21.01 -17.29
CA LYS A 109 -6.76 -21.96 -18.01
C LYS A 109 -5.81 -22.72 -17.12
N GLY A 110 -5.50 -22.18 -15.94
CA GLY A 110 -4.60 -22.85 -15.03
C GLY A 110 -4.73 -22.30 -13.63
N VAL A 111 -4.39 -23.13 -12.66
CA VAL A 111 -4.36 -22.78 -11.25
C VAL A 111 -2.99 -23.17 -10.74
N PHE A 112 -2.28 -22.23 -10.11
CA PHE A 112 -0.94 -22.45 -9.64
C PHE A 112 -0.88 -22.09 -8.16
N LEU A 113 -0.60 -23.08 -7.33
CA LEU A 113 -0.62 -22.92 -5.88
C LEU A 113 0.75 -23.21 -5.29
N ILE A 114 1.13 -22.44 -4.27
CA ILE A 114 2.35 -22.70 -3.52
C ILE A 114 2.06 -22.65 -2.04
N GLY A 115 2.65 -23.57 -1.29
CA GLY A 115 2.47 -23.59 0.15
C GLY A 115 1.01 -23.70 0.57
N ASN A 116 0.30 -24.64 -0.06
CA ASN A 116 -1.15 -24.74 0.06
C ASN A 116 -1.59 -25.43 1.36
N PRO A 117 -2.29 -24.72 2.26
CA PRO A 117 -2.81 -25.38 3.46
C PRO A 117 -3.78 -26.51 3.12
N ASP A 118 -4.39 -26.45 1.94
CA ASP A 118 -5.37 -27.44 1.51
C ASP A 118 -4.77 -28.55 0.66
N HIS A 119 -3.44 -28.68 0.70
CA HIS A 119 -2.75 -29.70 -0.07
C HIS A 119 -3.31 -31.08 0.29
N LYS A 120 -3.63 -31.87 -0.74
CA LYS A 120 -4.26 -33.17 -0.54
C LYS A 120 -3.40 -34.29 -1.08
N SER A 121 -3.09 -35.25 -0.21
CA SER A 121 -2.24 -36.37 -0.55
C SER A 121 -2.76 -37.11 -1.77
N GLY A 122 -1.87 -37.32 -2.73
CA GLY A 122 -2.15 -38.17 -3.87
C GLY A 122 -2.63 -37.49 -5.14
N LEU A 123 -3.01 -36.21 -5.07
CA LEU A 123 -3.47 -35.54 -6.28
C LEU A 123 -2.32 -35.39 -7.27
N THR A 124 -2.57 -35.67 -8.54
CA THR A 124 -1.49 -35.64 -9.53
C THR A 124 -1.11 -34.24 -10.00
N CYS A 125 -1.81 -33.21 -9.51
CA CYS A 125 -1.36 -31.83 -9.65
C CYS A 125 -0.21 -31.52 -8.68
N ASN A 126 0.05 -32.40 -7.72
CA ASN A 126 1.00 -32.10 -6.66
C ASN A 126 2.43 -32.35 -7.12
N VAL A 127 3.26 -31.31 -7.07
CA VAL A 127 4.68 -31.45 -7.32
C VAL A 127 5.49 -30.74 -6.23
N ASP A 128 6.78 -31.07 -6.15
CA ASP A 128 7.68 -30.38 -5.24
C ASP A 128 8.37 -29.22 -5.96
N SER A 129 9.33 -28.57 -5.30
CA SER A 129 9.93 -27.36 -5.86
C SER A 129 10.78 -27.63 -7.10
N ASN A 130 11.10 -28.90 -7.33
CA ASN A 130 11.87 -29.32 -8.51
C ASN A 130 10.97 -29.96 -9.57
N GLY A 131 9.66 -29.92 -9.35
CA GLY A 131 8.72 -30.52 -10.29
C GLY A 131 8.54 -32.02 -10.11
N GLY A 132 9.17 -32.59 -9.09
CA GLY A 132 9.06 -34.01 -8.80
C GLY A 132 7.93 -34.33 -7.85
N THR A 133 7.96 -35.55 -7.32
CA THR A 133 6.82 -36.10 -6.59
C THR A 133 7.07 -36.29 -5.09
N THR A 134 8.14 -35.69 -4.55
CA THR A 134 8.48 -36.00 -3.15
C THR A 134 7.46 -35.51 -2.14
N THR A 135 6.62 -34.55 -2.54
CA THR A 135 5.53 -34.08 -1.68
C THR A 135 4.16 -34.40 -2.28
N ARG A 136 4.08 -35.36 -3.19
CA ARG A 136 2.78 -35.68 -3.75
C ARG A 136 1.84 -36.28 -2.71
N ASN A 137 2.38 -37.12 -1.83
CA ASN A 137 1.56 -37.91 -0.92
C ASN A 137 1.64 -37.42 0.52
N VAL A 138 1.40 -36.12 0.66
CA VAL A 138 1.32 -35.47 1.96
C VAL A 138 0.12 -34.54 1.99
N ASN A 139 -0.35 -34.27 3.20
CA ASN A 139 -1.48 -33.39 3.43
C ASN A 139 -1.07 -32.09 4.08
N GLY A 140 -1.80 -31.03 3.76
CA GLY A 140 -1.60 -29.75 4.41
C GLY A 140 -2.36 -29.65 5.72
N LEU A 141 -2.13 -28.55 6.43
CA LEU A 141 -2.70 -28.34 7.74
C LEU A 141 -4.22 -28.22 7.75
N SER A 142 -4.80 -27.79 6.64
CA SER A 142 -6.20 -27.40 6.60
C SER A 142 -7.10 -28.28 5.75
N VAL A 143 -6.53 -29.22 5.00
CA VAL A 143 -7.30 -29.98 4.03
C VAL A 143 -8.46 -30.75 4.67
N ALA A 144 -8.26 -31.24 5.89
CA ALA A 144 -9.29 -32.05 6.55
C ALA A 144 -10.62 -31.32 6.70
N TYR A 145 -10.57 -30.02 7.02
CA TYR A 145 -11.80 -29.26 7.18
C TYR A 145 -12.16 -28.39 5.98
N GLN A 146 -11.15 -27.86 5.29
CA GLN A 146 -11.39 -26.89 4.22
C GLN A 146 -11.57 -27.56 2.86
N GLY A 147 -11.14 -28.81 2.74
CA GLY A 147 -11.23 -29.52 1.48
C GLY A 147 -10.06 -29.23 0.57
N SER A 148 -10.20 -29.69 -0.66
CA SER A 148 -9.08 -29.79 -1.59
C SER A 148 -9.45 -29.22 -2.96
N VAL A 149 -8.45 -29.16 -3.83
CA VAL A 149 -8.70 -28.90 -5.24
C VAL A 149 -9.69 -29.95 -5.74
N PRO A 150 -10.85 -29.54 -6.27
CA PRO A 150 -11.81 -30.53 -6.77
C PRO A 150 -11.24 -31.37 -7.91
N SER A 151 -11.67 -32.62 -8.00
CA SER A 151 -11.18 -33.54 -9.02
C SER A 151 -11.22 -32.96 -10.43
N GLY A 152 -12.29 -32.23 -10.76
CA GLY A 152 -12.47 -31.67 -12.09
C GLY A 152 -11.56 -30.50 -12.43
N TRP A 153 -10.80 -30.02 -11.44
CA TRP A 153 -9.81 -28.95 -11.61
C TRP A 153 -8.38 -29.47 -11.67
N VAL A 154 -8.16 -30.70 -11.22
CA VAL A 154 -6.80 -31.21 -11.03
C VAL A 154 -5.96 -31.15 -12.30
N SER A 155 -6.55 -31.47 -13.45
CA SER A 155 -5.79 -31.55 -14.69
C SER A 155 -5.21 -30.21 -15.17
N LYS A 156 -5.71 -29.11 -14.66
CA LYS A 156 -5.15 -27.80 -15.01
C LYS A 156 -4.63 -27.04 -13.78
N THR A 157 -4.29 -27.80 -12.73
CA THR A 157 -3.70 -27.26 -11.52
C THR A 157 -2.29 -27.78 -11.35
N LEU A 158 -1.44 -26.93 -10.78
CA LEU A 158 -0.15 -27.33 -10.28
C LEU A 158 -0.10 -26.86 -8.84
N ASP A 159 -0.01 -27.81 -7.92
CA ASP A 159 0.07 -27.52 -6.49
C ASP A 159 1.49 -27.84 -6.01
N VAL A 160 2.27 -26.78 -5.85
CA VAL A 160 3.69 -26.87 -5.57
C VAL A 160 3.91 -26.77 -4.07
N CYS A 161 4.49 -27.83 -3.51
CA CYS A 161 4.76 -27.90 -2.09
C CYS A 161 6.22 -28.26 -1.91
N ALA A 162 6.99 -27.33 -1.36
CA ALA A 162 8.39 -27.57 -1.08
C ALA A 162 8.51 -28.67 -0.04
N TYR A 163 9.44 -29.60 -0.26
CA TYR A 163 9.65 -30.66 0.70
C TYR A 163 9.90 -30.06 2.08
N GLY A 164 9.12 -30.49 3.06
CA GLY A 164 9.30 -29.99 4.40
C GLY A 164 8.67 -28.65 4.73
N ASP A 165 7.87 -28.10 3.81
CA ASP A 165 7.05 -26.92 4.13
C ASP A 165 5.90 -27.41 5.03
N GLY A 166 5.90 -27.02 6.29
CA GLY A 166 4.95 -27.56 7.25
C GLY A 166 3.49 -27.18 7.03
N VAL A 167 3.23 -26.22 6.15
CA VAL A 167 1.86 -25.80 5.86
C VAL A 167 1.18 -26.75 4.87
N CYS A 168 1.89 -27.15 3.83
CA CYS A 168 1.37 -28.07 2.81
C CYS A 168 1.83 -29.52 3.00
N ASP A 169 2.87 -29.72 3.81
CA ASP A 169 3.52 -31.00 4.00
C ASP A 169 3.68 -31.27 5.50
N THR A 170 2.63 -31.79 6.12
CA THR A 170 2.69 -32.07 7.55
C THR A 170 3.43 -33.36 7.85
N ALA A 171 3.76 -34.14 6.82
CA ALA A 171 4.59 -35.33 7.02
C ALA A 171 6.03 -34.94 7.34
N HIS A 172 6.63 -34.13 6.48
CA HIS A 172 8.05 -33.81 6.60
C HIS A 172 8.33 -32.45 7.17
N GLY A 173 7.30 -31.59 7.21
CA GLY A 173 7.47 -30.22 7.65
C GLY A 173 7.01 -30.02 9.08
N PHE A 174 7.27 -28.82 9.60
CA PHE A 174 6.90 -28.51 10.97
C PHE A 174 6.53 -27.03 11.11
N GLY A 175 5.26 -26.75 10.78
CA GLY A 175 4.74 -25.39 10.83
C GLY A 175 5.32 -24.48 9.78
N ILE A 176 5.12 -23.17 9.98
CA ILE A 176 5.71 -22.17 9.10
C ILE A 176 7.20 -22.08 9.35
N ASN A 177 7.95 -22.61 8.41
CA ASN A 177 9.39 -22.71 8.50
C ASN A 177 10.02 -22.12 7.25
N ALA A 178 11.35 -22.23 7.12
CA ALA A 178 12.02 -21.64 5.98
C ALA A 178 11.46 -22.15 4.67
N GLN A 179 11.08 -23.42 4.65
CA GLN A 179 10.56 -24.04 3.44
C GLN A 179 9.27 -23.37 2.98
N HIS A 180 8.43 -22.96 3.92
CA HIS A 180 7.20 -22.24 3.57
C HIS A 180 7.48 -20.86 3.01
N LEU A 181 8.61 -20.29 3.42
CA LEU A 181 8.99 -18.93 3.04
C LEU A 181 9.86 -18.90 1.79
N SER A 182 10.20 -20.08 1.25
CA SER A 182 11.22 -20.22 0.20
C SER A 182 10.74 -19.81 -1.19
N TYR A 183 9.44 -19.91 -1.43
CA TYR A 183 8.91 -19.85 -2.78
C TYR A 183 9.27 -18.63 -3.60
N PRO A 184 9.22 -17.41 -3.03
CA PRO A 184 9.50 -16.21 -3.84
C PRO A 184 10.83 -16.27 -4.58
N SER A 185 11.84 -16.89 -4.00
CA SER A 185 13.17 -16.92 -4.61
C SER A 185 13.60 -18.28 -5.09
N ASP A 186 12.75 -19.29 -4.97
CA ASP A 186 13.08 -20.60 -5.47
C ASP A 186 13.00 -20.59 -6.99
N GLN A 187 14.13 -20.83 -7.64
CA GLN A 187 14.20 -20.72 -9.10
C GLN A 187 13.41 -21.83 -9.80
N GLY A 188 13.37 -23.02 -9.21
CA GLY A 188 12.53 -24.09 -9.72
C GLY A 188 11.07 -23.70 -9.70
N VAL A 189 10.63 -23.16 -8.56
CA VAL A 189 9.24 -22.74 -8.39
C VAL A 189 8.87 -21.63 -9.38
N GLN A 190 9.69 -20.59 -9.44
CA GLN A 190 9.38 -19.44 -10.28
C GLN A 190 9.35 -19.83 -11.75
N THR A 191 10.34 -20.62 -12.18
CA THR A 191 10.40 -21.04 -13.57
C THR A 191 9.23 -21.95 -13.94
N MET A 192 8.94 -22.90 -13.06
CA MET A 192 7.81 -23.80 -13.29
C MET A 192 6.51 -23.02 -13.42
N GLY A 193 6.31 -22.02 -12.56
CA GLY A 193 5.10 -21.22 -12.58
C GLY A 193 4.96 -20.40 -13.86
N TYR A 194 6.07 -19.83 -14.31
CA TYR A 194 6.09 -19.07 -15.56
C TYR A 194 5.79 -19.97 -16.75
N LYS A 195 6.46 -21.12 -16.84
CA LYS A 195 6.24 -22.02 -17.97
C LYS A 195 4.82 -22.57 -17.97
N PHE A 196 4.33 -22.92 -16.78
CA PHE A 196 2.97 -23.44 -16.62
C PHE A 196 1.95 -22.42 -17.15
N ALA A 197 2.06 -21.18 -16.69
CA ALA A 197 1.13 -20.14 -17.09
C ALA A 197 1.19 -19.87 -18.58
N VAL A 198 2.39 -19.67 -19.13
CA VAL A 198 2.53 -19.34 -20.54
C VAL A 198 1.94 -20.46 -21.40
N ASN A 199 2.26 -21.71 -21.06
CA ASN A 199 1.72 -22.84 -21.80
C ASN A 199 0.21 -22.96 -21.70
N LYS A 200 -0.35 -22.81 -20.49
CA LYS A 200 -1.79 -22.87 -20.33
C LYS A 200 -2.50 -21.75 -21.08
N LEU A 201 -1.83 -20.60 -21.20
CA LEU A 201 -2.36 -19.46 -21.93
C LEU A 201 -2.21 -19.57 -23.44
N GLY A 202 -1.57 -20.65 -23.91
CA GLY A 202 -1.45 -20.90 -25.33
C GLY A 202 -0.19 -20.38 -25.98
N GLY A 203 0.79 -19.97 -25.17
CA GLY A 203 2.08 -19.53 -25.68
C GLY A 203 3.14 -20.62 -25.60
N SER A 204 4.35 -20.27 -26.04
CA SER A 204 5.48 -21.18 -26.00
C SER A 204 6.42 -20.80 -24.86
N ALA A 205 6.77 -21.78 -24.04
CA ALA A 205 7.76 -21.61 -22.98
C ALA A 205 8.30 -22.96 -22.52
N ALA B 1 -19.97 15.80 3.68
CA ALA B 1 -19.87 15.57 2.22
C ALA B 1 -18.82 14.51 1.91
N THR B 2 -18.84 14.01 0.68
CA THR B 2 -17.82 13.07 0.20
C THR B 2 -17.16 13.67 -1.04
N SER B 3 -15.84 13.71 -1.03
CA SER B 3 -15.10 14.18 -2.20
C SER B 3 -14.96 13.06 -3.22
N SER B 4 -15.29 13.35 -4.47
CA SER B 4 -15.10 12.40 -5.56
C SER B 4 -13.63 12.09 -5.80
N ALA B 5 -12.78 13.10 -5.62
CA ALA B 5 -11.34 12.95 -5.78
C ALA B 5 -10.72 12.13 -4.65
N CYS B 6 -11.17 12.40 -3.43
CA CYS B 6 -10.56 11.82 -2.24
C CYS B 6 -11.63 11.26 -1.29
N PRO B 7 -12.30 10.17 -1.69
CA PRO B 7 -13.29 9.54 -0.81
C PRO B 7 -12.66 8.94 0.45
N GLN B 8 -11.36 8.64 0.41
CA GLN B 8 -10.60 8.22 1.56
C GLN B 8 -9.34 9.08 1.65
N TYR B 9 -9.05 9.60 2.84
CA TYR B 9 -7.86 10.41 3.01
C TYR B 9 -7.30 10.27 4.41
N VAL B 10 -6.02 10.62 4.54
CA VAL B 10 -5.34 10.59 5.82
C VAL B 10 -4.68 11.93 6.05
N LEU B 11 -4.91 12.49 7.24
CA LEU B 11 -4.19 13.67 7.70
C LEU B 11 -3.03 13.17 8.55
N ILE B 12 -1.85 13.15 7.94
CA ILE B 12 -0.63 12.75 8.65
C ILE B 12 -0.09 14.02 9.30
N ASN B 13 0.01 14.01 10.62
CA ASN B 13 0.52 15.18 11.32
C ASN B 13 1.69 14.81 12.19
N THR B 14 2.71 15.67 12.13
CA THR B 14 3.95 15.46 12.87
C THR B 14 4.13 16.63 13.81
N ARG B 15 4.28 16.31 15.09
CA ARG B 15 4.16 17.27 16.18
C ARG B 15 5.48 17.96 16.53
N GLY B 16 5.39 18.95 17.41
CA GLY B 16 6.56 19.64 17.90
C GLY B 16 7.17 18.99 19.13
N THR B 17 8.38 19.41 19.46
CA THR B 17 9.08 18.88 20.62
C THR B 17 8.28 19.15 21.89
N GLY B 18 8.26 18.16 22.78
CA GLY B 18 7.54 18.29 24.03
C GLY B 18 6.07 17.89 23.97
N GLU B 19 5.47 17.96 22.78
CA GLU B 19 4.09 17.49 22.62
C GLU B 19 4.07 15.98 22.83
N PRO B 20 3.08 15.47 23.58
CA PRO B 20 2.99 14.02 23.77
C PRO B 20 2.69 13.29 22.47
N GLN B 21 3.16 12.07 22.37
CA GLN B 21 2.83 11.23 21.21
C GLN B 21 1.31 11.16 21.09
N GLY B 22 0.83 11.64 19.94
CA GLY B 22 -0.58 11.89 19.71
C GLY B 22 -0.68 13.05 18.73
N GLN B 23 -1.89 13.48 18.44
CA GLN B 23 -2.09 14.59 17.50
C GLN B 23 -1.47 15.87 18.04
N SER B 24 -0.82 16.63 17.17
CA SER B 24 -0.29 17.94 17.56
C SER B 24 -1.43 18.89 17.89
N ALA B 25 -1.25 19.68 18.95
CA ALA B 25 -2.21 20.73 19.27
C ALA B 25 -2.35 21.74 18.13
N GLY B 26 -1.32 21.85 17.30
CA GLY B 26 -1.33 22.75 16.18
C GLY B 26 -2.41 22.49 15.14
N PHE B 27 -2.91 21.26 15.08
CA PHE B 27 -3.90 20.87 14.07
C PHE B 27 -5.20 20.36 14.67
N ARG B 28 -5.33 20.46 16.00
CA ARG B 28 -6.49 19.88 16.69
C ARG B 28 -7.82 20.43 16.19
N THR B 29 -7.96 21.76 16.15
CA THR B 29 -9.21 22.36 15.71
C THR B 29 -9.48 22.09 14.24
N MET B 30 -8.51 22.43 13.39
CA MET B 30 -8.72 22.26 11.95
C MET B 30 -9.06 20.83 11.58
N ASN B 31 -8.41 19.86 12.23
CA ASN B 31 -8.64 18.46 11.88
C ASN B 31 -10.03 17.97 12.26
N SER B 32 -10.56 18.49 13.37
CA SER B 32 -11.95 18.23 13.72
C SER B 32 -12.89 18.80 12.66
N GLN B 33 -12.57 19.99 12.15
CA GLN B 33 -13.38 20.60 11.10
C GLN B 33 -13.29 19.83 9.78
N ILE B 34 -12.08 19.40 9.42
CA ILE B 34 -11.86 18.69 8.17
C ILE B 34 -12.62 17.36 8.15
N THR B 35 -12.47 16.56 9.20
CA THR B 35 -13.13 15.25 9.21
C THR B 35 -14.65 15.35 9.33
N ALA B 36 -15.14 16.44 9.91
CA ALA B 36 -16.57 16.71 9.92
C ALA B 36 -17.07 17.04 8.51
N ALA B 37 -16.25 17.75 7.75
CA ALA B 37 -16.63 18.23 6.42
C ALA B 37 -16.57 17.17 5.34
N LEU B 38 -15.57 16.30 5.41
CA LEU B 38 -15.35 15.27 4.41
C LEU B 38 -15.27 13.90 5.05
N SER B 39 -16.16 13.01 4.61
CA SER B 39 -16.17 11.61 5.04
C SER B 39 -14.91 10.88 4.57
N GLY B 40 -14.61 9.77 5.24
CA GLY B 40 -13.51 8.92 4.85
C GLY B 40 -12.15 9.37 5.32
N GLY B 41 -12.13 10.24 6.32
CA GLY B 41 -10.88 10.75 6.86
C GLY B 41 -10.37 10.00 8.07
N THR B 42 -9.05 9.84 8.11
N THR B 42 -9.06 9.82 8.14
CA THR B 42 -8.29 9.22 9.20
CA THR B 42 -8.45 9.34 9.37
C THR B 42 -7.26 10.26 9.68
C THR B 42 -7.21 10.15 9.68
N ILE B 43 -6.95 10.26 10.98
CA ILE B 43 -5.82 11.03 11.50
C ILE B 43 -4.70 10.06 11.82
N TYR B 44 -3.51 10.35 11.31
CA TYR B 44 -2.33 9.57 11.67
C TYR B 44 -1.31 10.48 12.33
N ASN B 45 -0.88 10.09 13.53
CA ASN B 45 0.10 10.84 14.30
C ASN B 45 1.46 10.21 14.14
N THR B 46 2.35 10.92 13.46
CA THR B 46 3.68 10.40 13.19
C THR B 46 4.35 9.92 14.46
N VAL B 47 4.89 8.71 14.41
CA VAL B 47 5.52 8.09 15.57
C VAL B 47 7.01 8.41 15.56
N TYR B 48 7.42 9.28 16.48
CA TYR B 48 8.84 9.58 16.70
C TYR B 48 8.97 10.28 18.04
N THR B 49 10.19 10.49 18.51
CA THR B 49 10.39 11.02 19.87
C THR B 49 10.10 12.51 20.06
N ALA B 50 10.13 13.29 18.99
CA ALA B 50 9.93 14.74 19.08
C ALA B 50 10.74 15.33 20.24
N ASP B 51 12.05 15.14 20.18
CA ASP B 51 12.95 15.56 21.24
C ASP B 51 14.27 15.95 20.60
N PHE B 52 14.83 17.08 21.03
CA PHE B 52 16.04 17.62 20.42
C PHE B 52 17.29 16.78 20.66
N SER B 53 17.20 15.78 21.56
CA SER B 53 18.30 14.84 21.77
C SER B 53 18.42 13.81 20.63
N GLN B 54 17.39 13.72 19.80
CA GLN B 54 17.43 12.89 18.60
C GLN B 54 17.34 13.80 17.38
N ASN B 55 17.82 13.32 16.24
CA ASN B 55 17.55 13.99 14.97
C ASN B 55 16.07 13.79 14.63
N SER B 56 15.63 14.37 13.52
CA SER B 56 14.24 14.24 13.10
C SER B 56 14.04 13.10 12.11
N ALA B 57 15.10 12.34 11.85
CA ALA B 57 15.08 11.29 10.83
C ALA B 57 14.00 10.24 11.04
N ALA B 58 13.74 9.86 12.30
CA ALA B 58 12.71 8.86 12.58
C ALA B 58 11.32 9.37 12.21
N GLY B 59 11.09 10.66 12.42
CA GLY B 59 9.85 11.30 12.02
C GLY B 59 9.67 11.28 10.51
N THR B 60 10.70 11.72 9.79
CA THR B 60 10.71 11.65 8.33
C THR B 60 10.44 10.24 7.83
N ALA B 61 11.13 9.27 8.41
CA ALA B 61 10.99 7.89 7.99
C ALA B 61 9.56 7.38 8.20
N ASP B 62 8.94 7.75 9.31
CA ASP B 62 7.61 7.28 9.60
C ASP B 62 6.55 7.93 8.72
N ILE B 63 6.74 9.20 8.38
CA ILE B 63 5.85 9.86 7.42
C ILE B 63 5.85 9.09 6.10
N ILE B 64 7.05 8.82 5.58
CA ILE B 64 7.20 8.14 4.31
C ILE B 64 6.65 6.71 4.39
N ARG B 65 6.94 6.03 5.49
CA ARG B 65 6.43 4.69 5.72
C ARG B 65 4.90 4.69 5.64
N ARG B 66 4.27 5.64 6.33
CA ARG B 66 2.81 5.70 6.38
C ARG B 66 2.18 6.01 5.02
N ILE B 67 2.82 6.90 4.27
CA ILE B 67 2.37 7.20 2.91
C ILE B 67 2.37 5.92 2.07
N ASN B 68 3.51 5.23 2.08
CA ASN B 68 3.68 4.05 1.26
C ASN B 68 2.77 2.89 1.69
N SER B 69 2.62 2.69 2.98
CA SER B 69 1.77 1.62 3.47
C SER B 69 0.30 1.88 3.15
N GLY B 70 -0.13 3.14 3.26
CA GLY B 70 -1.49 3.50 2.88
C GLY B 70 -1.75 3.24 1.41
N LEU B 71 -0.77 3.55 0.57
CA LEU B 71 -0.91 3.33 -0.87
C LEU B 71 -0.95 1.86 -1.26
N ALA B 72 -0.26 1.01 -0.50
CA ALA B 72 -0.34 -0.44 -0.71
C ALA B 72 -1.77 -0.91 -0.47
N ALA B 73 -2.37 -0.45 0.62
CA ALA B 73 -3.74 -0.82 0.94
C ALA B 73 -4.76 -0.21 -0.02
N ASN B 74 -4.47 1.00 -0.49
CA ASN B 74 -5.41 1.74 -1.32
C ASN B 74 -4.63 2.71 -2.21
N PRO B 75 -4.43 2.37 -3.49
CA PRO B 75 -3.61 3.21 -4.37
C PRO B 75 -4.25 4.59 -4.60
N ASN B 76 -5.51 4.75 -4.24
CA ASN B 76 -6.25 5.98 -4.45
C ASN B 76 -6.31 6.90 -3.25
N VAL B 77 -5.73 6.49 -2.13
CA VAL B 77 -5.78 7.31 -0.93
C VAL B 77 -5.11 8.67 -1.14
N CYS B 78 -5.70 9.70 -0.55
CA CYS B 78 -5.13 11.04 -0.56
C CYS B 78 -4.54 11.39 0.79
N TYR B 79 -3.47 12.18 0.78
CA TYR B 79 -2.88 12.67 2.02
C TYR B 79 -2.83 14.18 2.10
N ILE B 80 -2.98 14.69 3.32
CA ILE B 80 -2.46 16.00 3.68
C ILE B 80 -1.36 15.74 4.69
N LEU B 81 -0.17 16.31 4.46
CA LEU B 81 0.90 16.26 5.46
C LEU B 81 0.90 17.55 6.25
N GLN B 82 0.85 17.44 7.57
CA GLN B 82 0.81 18.60 8.46
C GLN B 82 2.03 18.52 9.36
N GLY B 83 2.74 19.62 9.51
CA GLY B 83 3.92 19.62 10.37
C GLY B 83 4.05 20.90 11.14
N TYR B 84 4.37 20.77 12.43
CA TYR B 84 4.61 21.90 13.32
C TYR B 84 6.00 21.80 13.91
N SER B 85 6.79 22.88 13.78
CA SER B 85 8.05 23.01 14.51
C SER B 85 9.01 21.89 14.08
N GLN B 86 9.53 21.08 15.01
CA GLN B 86 10.36 19.93 14.64
C GLN B 86 9.64 19.05 13.60
N GLY B 87 8.32 18.92 13.75
CA GLY B 87 7.52 18.15 12.81
C GLY B 87 7.44 18.74 11.42
N ALA B 88 7.53 20.08 11.34
CA ALA B 88 7.63 20.75 10.05
C ALA B 88 8.97 20.42 9.37
N ALA B 89 10.06 20.47 10.13
CA ALA B 89 11.35 20.06 9.60
C ALA B 89 11.31 18.62 9.09
N ALA B 90 10.75 17.72 9.89
CA ALA B 90 10.66 16.32 9.49
C ALA B 90 9.88 16.17 8.19
N THR B 91 8.81 16.96 8.05
CA THR B 91 7.97 16.93 6.85
C THR B 91 8.73 17.46 5.64
N VAL B 92 9.44 18.58 5.80
CA VAL B 92 10.22 19.17 4.71
C VAL B 92 11.26 18.18 4.20
N VAL B 93 11.98 17.53 5.11
CA VAL B 93 12.97 16.55 4.70
C VAL B 93 12.28 15.37 3.98
N ALA B 94 11.10 14.98 4.44
CA ALA B 94 10.33 13.96 3.74
C ALA B 94 10.03 14.37 2.29
N LEU B 95 9.63 15.63 2.08
CA LEU B 95 9.35 16.10 0.73
C LEU B 95 10.58 16.00 -0.14
N GLN B 96 11.72 16.39 0.41
CA GLN B 96 12.98 16.31 -0.31
C GLN B 96 13.28 14.88 -0.74
N GLN B 97 13.08 13.93 0.17
CA GLN B 97 13.34 12.52 -0.11
C GLN B 97 12.34 11.92 -1.09
N LEU B 98 11.08 12.33 -1.00
CA LEU B 98 10.03 11.79 -1.85
C LEU B 98 10.21 12.18 -3.31
N GLY B 99 10.77 13.35 -3.55
CA GLY B 99 10.90 13.85 -4.90
C GLY B 99 9.58 14.42 -5.42
N THR B 100 9.55 14.73 -6.71
CA THR B 100 8.41 15.42 -7.31
C THR B 100 7.79 14.64 -8.46
N SER B 101 7.92 13.32 -8.41
CA SER B 101 7.27 12.42 -9.35
C SER B 101 6.97 11.12 -8.65
N GLY B 102 5.97 10.39 -9.14
CA GLY B 102 5.66 9.08 -8.62
C GLY B 102 4.44 9.06 -7.73
N ALA B 103 4.06 7.85 -7.32
CA ALA B 103 2.82 7.61 -6.59
C ALA B 103 2.72 8.35 -5.26
N ALA B 104 3.82 8.39 -4.50
CA ALA B 104 3.80 9.06 -3.19
C ALA B 104 3.60 10.56 -3.35
N PHE B 105 4.38 11.17 -4.24
CA PHE B 105 4.22 12.58 -4.57
C PHE B 105 2.78 12.85 -5.01
N ASN B 106 2.27 12.04 -5.92
CA ASN B 106 0.93 12.24 -6.45
C ASN B 106 -0.14 12.15 -5.37
N ALA B 107 0.03 11.24 -4.41
CA ALA B 107 -0.97 10.99 -3.38
C ALA B 107 -1.09 12.13 -2.39
N VAL B 108 0.01 12.86 -2.18
CA VAL B 108 -0.01 13.97 -1.25
C VAL B 108 -0.61 15.18 -1.94
N LYS B 109 -1.81 15.53 -1.53
CA LYS B 109 -2.54 16.62 -2.18
C LYS B 109 -2.22 17.98 -1.60
N GLY B 110 -1.71 18.01 -0.37
CA GLY B 110 -1.37 19.26 0.27
C GLY B 110 -0.40 19.04 1.41
N VAL B 111 0.42 20.06 1.65
CA VAL B 111 1.35 20.11 2.77
C VAL B 111 1.07 21.40 3.51
N PHE B 112 0.75 21.28 4.80
CA PHE B 112 0.40 22.40 5.64
C PHE B 112 1.40 22.48 6.79
N LEU B 113 2.17 23.56 6.83
CA LEU B 113 3.22 23.74 7.82
C LEU B 113 2.93 24.96 8.67
N ILE B 114 3.25 24.84 9.96
CA ILE B 114 3.22 25.98 10.88
C ILE B 114 4.53 26.01 11.66
N GLY B 115 5.09 27.20 11.86
CA GLY B 115 6.31 27.35 12.61
C GLY B 115 7.45 26.52 12.05
N ASN B 116 7.70 26.68 10.76
CA ASN B 116 8.63 25.85 10.01
C ASN B 116 10.07 26.34 10.14
N PRO B 117 10.98 25.56 10.77
CA PRO B 117 12.38 25.98 10.84
C PRO B 117 13.01 26.12 9.46
N ASP B 118 12.46 25.40 8.49
CA ASP B 118 12.99 25.41 7.13
C ASP B 118 12.30 26.41 6.22
N HIS B 119 11.60 27.37 6.83
CA HIS B 119 10.96 28.44 6.10
C HIS B 119 11.97 29.13 5.18
N LYS B 120 11.61 29.30 3.91
CA LYS B 120 12.53 29.87 2.93
C LYS B 120 12.01 31.17 2.36
N SER B 121 12.83 32.21 2.45
CA SER B 121 12.46 33.51 1.93
C SER B 121 12.04 33.44 0.47
N GLY B 122 10.85 33.97 0.19
CA GLY B 122 10.40 34.19 -1.17
C GLY B 122 9.47 33.15 -1.75
N LEU B 123 9.35 31.99 -1.10
CA LEU B 123 8.48 30.95 -1.64
C LEU B 123 7.02 31.38 -1.59
N THR B 124 6.30 31.16 -2.68
CA THR B 124 4.93 31.65 -2.78
C THR B 124 3.92 30.84 -1.98
N CYS B 125 4.37 29.74 -1.37
CA CYS B 125 3.57 29.01 -0.40
C CYS B 125 3.54 29.69 0.97
N ASN B 126 4.39 30.70 1.16
CA ASN B 126 4.55 31.34 2.46
C ASN B 126 3.47 32.37 2.75
N VAL B 127 2.76 32.19 3.85
CA VAL B 127 1.82 33.19 4.33
C VAL B 127 2.02 33.45 5.82
N ASP B 128 1.52 34.57 6.29
CA ASP B 128 1.49 34.82 7.73
C ASP B 128 0.18 34.29 8.33
N SER B 129 -0.01 34.50 9.62
CA SER B 129 -1.18 33.95 10.31
C SER B 129 -2.50 34.57 9.87
N ASN B 130 -2.42 35.69 9.16
CA ASN B 130 -3.59 36.37 8.61
C ASN B 130 -3.81 36.10 7.12
N GLY B 131 -3.01 35.18 6.58
CA GLY B 131 -3.08 34.83 5.18
C GLY B 131 -2.36 35.81 4.27
N GLY B 132 -1.68 36.79 4.87
CA GLY B 132 -0.94 37.80 4.13
C GLY B 132 0.51 37.42 3.92
N THR B 133 1.32 38.38 3.48
CA THR B 133 2.70 38.11 3.08
C THR B 133 3.77 38.74 3.96
N THR B 134 3.42 39.13 5.20
CA THR B 134 4.40 39.83 6.05
C THR B 134 5.58 38.96 6.48
N THR B 135 5.46 37.65 6.33
CA THR B 135 6.57 36.74 6.63
C THR B 135 6.99 35.93 5.41
N ARG B 136 6.63 36.39 4.21
CA ARG B 136 6.98 35.63 3.02
C ARG B 136 8.48 35.65 2.71
N ASN B 137 9.10 36.81 2.91
CA ASN B 137 10.48 37.03 2.48
C ASN B 137 11.49 37.02 3.63
N VAL B 138 11.41 35.96 4.42
CA VAL B 138 12.30 35.78 5.56
C VAL B 138 12.65 34.31 5.68
N ASN B 139 13.85 34.03 6.18
CA ASN B 139 14.32 32.68 6.40
C ASN B 139 14.07 32.19 7.81
N GLY B 140 13.82 30.90 7.92
CA GLY B 140 13.76 30.23 9.21
C GLY B 140 15.13 29.89 9.74
N LEU B 141 15.16 29.34 10.96
CA LEU B 141 16.41 29.08 11.67
C LEU B 141 17.23 27.94 11.08
N SER B 142 16.58 27.06 10.32
CA SER B 142 17.26 25.86 9.81
C SER B 142 17.46 25.80 8.30
N VAL B 143 16.79 26.67 7.55
CA VAL B 143 16.80 26.54 6.09
C VAL B 143 18.20 26.59 5.48
N ALA B 144 19.09 27.40 6.03
CA ALA B 144 20.42 27.55 5.45
C ALA B 144 21.17 26.22 5.38
N TYR B 145 20.96 25.35 6.37
CA TYR B 145 21.68 24.07 6.41
C TYR B 145 20.81 22.85 6.06
N GLN B 146 19.49 22.96 6.26
CA GLN B 146 18.60 21.82 6.06
C GLN B 146 17.81 21.88 4.75
N GLY B 147 17.83 23.04 4.10
CA GLY B 147 17.08 23.23 2.87
C GLY B 147 15.62 23.51 3.10
N SER B 148 14.86 23.53 2.02
CA SER B 148 13.50 24.04 2.02
C SER B 148 12.53 23.06 1.42
N VAL B 149 11.26 23.45 1.43
CA VAL B 149 10.25 22.81 0.60
C VAL B 149 10.79 22.83 -0.85
N PRO B 150 10.87 21.67 -1.51
CA PRO B 150 11.35 21.67 -2.90
C PRO B 150 10.43 22.46 -3.82
N SER B 151 11.02 23.05 -4.85
CA SER B 151 10.27 23.85 -5.81
C SER B 151 9.02 23.14 -6.32
N GLY B 152 9.13 21.86 -6.64
CA GLY B 152 8.02 21.10 -7.20
C GLY B 152 6.91 20.78 -6.23
N TRP B 153 7.09 21.09 -4.95
CA TRP B 153 6.06 20.92 -3.93
C TRP B 153 5.36 22.22 -3.57
N VAL B 154 5.93 23.35 -3.99
CA VAL B 154 5.45 24.66 -3.53
C VAL B 154 3.97 24.89 -3.85
N SER B 155 3.54 24.48 -5.04
CA SER B 155 2.18 24.74 -5.49
C SER B 155 1.10 24.04 -4.65
N LYS B 156 1.49 23.02 -3.89
CA LYS B 156 0.51 22.39 -3.01
C LYS B 156 0.91 22.46 -1.54
N THR B 157 1.74 23.46 -1.22
CA THR B 157 2.14 23.72 0.15
C THR B 157 1.58 25.05 0.63
N LEU B 158 1.25 25.10 1.92
CA LEU B 158 0.95 26.35 2.61
C LEU B 158 1.85 26.36 3.83
N ASP B 159 2.78 27.31 3.87
CA ASP B 159 3.74 27.42 4.97
C ASP B 159 3.41 28.67 5.76
N VAL B 160 2.76 28.46 6.90
CA VAL B 160 2.22 29.54 7.73
C VAL B 160 3.24 29.92 8.80
N CYS B 161 3.65 31.17 8.78
CA CYS B 161 4.62 31.69 9.74
C CYS B 161 4.07 32.94 10.39
N ALA B 162 3.78 32.85 11.69
CA ALA B 162 3.31 34.01 12.45
C ALA B 162 4.43 35.05 12.54
N TYR B 163 4.07 36.31 12.31
CA TYR B 163 5.03 37.40 12.46
C TYR B 163 5.62 37.36 13.86
N GLY B 164 6.95 37.33 13.93
CA GLY B 164 7.64 37.28 15.21
C GLY B 164 7.87 35.89 15.77
N ASP B 165 7.40 34.85 15.09
CA ASP B 165 7.73 33.48 15.46
C ASP B 165 9.22 33.31 15.16
N GLY B 166 10.01 33.07 16.20
CA GLY B 166 11.46 33.07 16.06
C GLY B 166 12.05 31.86 15.39
N VAL B 167 11.20 30.89 15.05
CA VAL B 167 11.62 29.69 14.36
C VAL B 167 11.60 29.89 12.84
N CYS B 168 10.54 30.56 12.36
CA CYS B 168 10.35 30.75 10.93
C CYS B 168 10.56 32.20 10.44
N ASP B 169 10.36 33.16 11.34
CA ASP B 169 10.54 34.59 11.04
C ASP B 169 11.75 35.11 11.81
N THR B 170 12.95 34.75 11.35
CA THR B 170 14.16 35.14 12.07
C THR B 170 14.48 36.63 11.98
N ALA B 171 13.71 37.39 11.20
CA ALA B 171 13.88 38.83 11.20
C ALA B 171 13.41 39.44 12.51
N HIS B 172 12.46 38.78 13.19
CA HIS B 172 11.75 39.36 14.32
C HIS B 172 11.72 38.52 15.57
N GLY B 173 12.47 37.42 15.58
CA GLY B 173 12.59 36.57 16.74
C GLY B 173 13.72 35.61 16.51
N PHE B 174 14.12 34.87 17.54
CA PHE B 174 15.21 33.92 17.39
C PHE B 174 15.00 32.77 18.35
N GLY B 175 14.49 31.66 17.81
CA GLY B 175 14.20 30.47 18.59
C GLY B 175 12.73 30.29 18.88
N ILE B 176 12.44 29.23 19.63
CA ILE B 176 11.08 28.97 20.08
C ILE B 176 10.67 30.06 21.07
N ASN B 177 9.57 30.73 20.76
CA ASN B 177 9.10 31.85 21.57
C ASN B 177 7.58 31.84 21.65
N ALA B 178 7.00 32.84 22.30
CA ALA B 178 5.55 32.85 22.50
C ALA B 178 4.80 32.83 21.17
N GLN B 179 5.28 33.57 20.18
CA GLN B 179 4.62 33.58 18.88
C GLN B 179 4.62 32.21 18.21
N HIS B 180 5.68 31.43 18.45
CA HIS B 180 5.76 30.07 17.94
C HIS B 180 4.67 29.15 18.50
N LEU B 181 4.12 29.52 19.67
CA LEU B 181 3.09 28.74 20.33
C LEU B 181 1.69 29.26 20.04
N SER B 182 1.58 30.24 19.15
CA SER B 182 0.30 30.89 18.89
C SER B 182 -0.68 30.05 18.06
N TYR B 183 -0.15 29.15 17.24
CA TYR B 183 -0.97 28.47 16.23
C TYR B 183 -2.20 27.70 16.73
N PRO B 184 -2.11 26.88 17.78
CA PRO B 184 -3.26 26.07 18.19
C PRO B 184 -4.55 26.85 18.45
N SER B 185 -4.43 28.02 19.07
CA SER B 185 -5.59 28.82 19.49
C SER B 185 -5.89 29.96 18.53
N ASP B 186 -5.09 30.07 17.47
CA ASP B 186 -5.31 31.11 16.48
C ASP B 186 -6.41 30.65 15.54
N GLN B 187 -7.61 31.23 15.67
CA GLN B 187 -8.76 30.82 14.87
C GLN B 187 -8.53 31.03 13.37
N GLY B 188 -7.84 32.11 13.02
CA GLY B 188 -7.51 32.39 11.62
C GLY B 188 -6.66 31.28 11.01
N VAL B 189 -5.65 30.84 11.75
CA VAL B 189 -4.77 29.76 11.30
C VAL B 189 -5.55 28.45 11.19
N GLN B 190 -6.40 28.15 12.17
CA GLN B 190 -7.18 26.93 12.16
C GLN B 190 -8.14 26.89 10.97
N THR B 191 -8.81 28.02 10.71
CA THR B 191 -9.70 28.13 9.56
C THR B 191 -8.94 27.98 8.24
N MET B 192 -7.78 28.63 8.15
CA MET B 192 -6.90 28.53 6.99
C MET B 192 -6.53 27.07 6.71
N GLY B 193 -6.15 26.33 7.76
CA GLY B 193 -5.75 24.94 7.62
C GLY B 193 -6.89 24.04 7.22
N TYR B 194 -8.07 24.32 7.77
CA TYR B 194 -9.28 23.60 7.40
C TYR B 194 -9.61 23.80 5.93
N LYS B 195 -9.68 25.06 5.50
CA LYS B 195 -10.03 25.36 4.12
C LYS B 195 -9.00 24.79 3.14
N PHE B 196 -7.73 24.94 3.49
CA PHE B 196 -6.64 24.44 2.67
C PHE B 196 -6.80 22.94 2.43
N ALA B 197 -6.97 22.18 3.50
CA ALA B 197 -7.07 20.72 3.40
C ALA B 197 -8.31 20.30 2.61
N VAL B 198 -9.46 20.87 2.95
CA VAL B 198 -10.69 20.48 2.28
C VAL B 198 -10.60 20.76 0.78
N ASN B 199 -10.08 21.93 0.42
CA ASN B 199 -9.96 22.27 -0.99
C ASN B 199 -8.96 21.37 -1.73
N LYS B 200 -7.81 21.11 -1.11
CA LYS B 200 -6.84 20.22 -1.75
C LYS B 200 -7.37 18.79 -1.90
N LEU B 201 -8.24 18.39 -0.97
CA LEU B 201 -8.86 17.07 -1.01
C LEU B 201 -10.04 16.98 -1.96
N GLY B 202 -10.39 18.08 -2.63
CA GLY B 202 -11.44 18.06 -3.63
C GLY B 202 -12.83 18.33 -3.08
N GLY B 203 -12.91 18.85 -1.86
CA GLY B 203 -14.17 19.33 -1.30
C GLY B 203 -14.33 20.82 -1.56
N SER B 204 -15.30 21.42 -0.90
CA SER B 204 -15.53 22.87 -1.02
C SER B 204 -15.59 23.53 0.35
N ALA B 205 -14.69 24.48 0.58
CA ALA B 205 -14.64 25.24 1.84
C ALA B 205 -14.13 26.65 1.62
#